data_5INO
#
_entry.id   5INO
#
_cell.length_a   69.663
_cell.length_b   69.663
_cell.length_c   120.677
_cell.angle_alpha   90.000
_cell.angle_beta   90.000
_cell.angle_gamma   120.000
#
_symmetry.space_group_name_H-M   'P 31'
#
loop_
_entity.id
_entity.type
_entity.pdbx_description
1 polymer 'Tyrosyl-DNA phosphodiesterase 2'
2 polymer "DNA (5'-D(P*CP*CP*GP*AP*AP*TP*TP*CP*G)-3')"
3 non-polymer 'SULFATE ION'
4 water water
#
loop_
_entity_poly.entity_id
_entity_poly.type
_entity_poly.pdbx_seq_one_letter_code
_entity_poly.pdbx_strand_id
1 'polypeptide(L)'
;SNGQENGSMFSLITWNIDGLDLNNLSERARGVCSYLALYSPDVIFLQEVIPPYYSYLKKRSSNYEIITGHEEGYFTAIML
KKSRVKLKSQEIIPFPSTKMMRNLLCVHVNVSGNELCLMTSHLESTRGHAAERMNQLKMVLKKMQEAPESATVIFAGDTN
LRDREVTRCGGLPNNIVDVWEFLGKPKHCQYTWDTQMNSNLGITAACKLRFDRIFFRAAAEEGHIIPRSLDLLGLEKLDC
GRFPSDHWGLLCNLDIIL
;
A,B
2 'polydeoxyribonucleotide' (DC)(DC)(DG)(DA)(DA)(DT)(DT)(DC)(DG) D,C
#
loop_
_chem_comp.id
_chem_comp.type
_chem_comp.name
_chem_comp.formula
DA DNA linking 2'-DEOXYADENOSINE-5'-MONOPHOSPHATE 'C10 H14 N5 O6 P'
DC DNA linking 2'-DEOXYCYTIDINE-5'-MONOPHOSPHATE 'C9 H14 N3 O7 P'
DG DNA linking 2'-DEOXYGUANOSINE-5'-MONOPHOSPHATE 'C10 H14 N5 O7 P'
DT DNA linking THYMIDINE-5'-MONOPHOSPHATE 'C10 H15 N2 O8 P'
SO4 non-polymer 'SULFATE ION' 'O4 S -2'
#
# COMPACT_ATOMS: atom_id res chain seq x y z
N GLN A 4 -24.23 49.41 -9.53
CA GLN A 4 -24.30 47.96 -9.55
C GLN A 4 -22.90 47.35 -9.55
N GLU A 5 -22.24 47.38 -8.41
CA GLU A 5 -20.87 46.87 -8.27
C GLU A 5 -20.80 45.37 -8.59
N ASN A 6 -21.81 44.63 -8.15
CA ASN A 6 -21.89 43.21 -8.44
C ASN A 6 -23.15 42.86 -9.24
N GLY A 7 -22.99 42.76 -10.55
CA GLY A 7 -24.11 42.43 -11.42
C GLY A 7 -24.38 40.93 -11.44
N SER A 8 -25.03 40.45 -10.38
CA SER A 8 -25.36 39.04 -10.22
C SER A 8 -24.14 38.12 -10.23
N MET A 9 -22.96 38.70 -10.13
CA MET A 9 -21.73 37.92 -10.16
C MET A 9 -21.45 37.36 -8.77
N PHE A 10 -20.72 36.26 -8.73
CA PHE A 10 -20.43 35.56 -7.49
C PHE A 10 -19.04 34.95 -7.58
N SER A 11 -18.21 35.15 -6.55
CA SER A 11 -16.84 34.64 -6.64
C SER A 11 -16.41 33.91 -5.39
N LEU A 12 -15.74 32.78 -5.57
CA LEU A 12 -15.25 32.01 -4.44
C LEU A 12 -13.81 31.58 -4.66
N ILE A 13 -13.13 31.22 -3.57
CA ILE A 13 -11.74 30.78 -3.64
C ILE A 13 -11.48 29.64 -2.68
N THR A 14 -11.01 28.51 -3.21
CA THR A 14 -10.57 27.40 -2.35
C THR A 14 -9.07 27.25 -2.48
N TRP A 15 -8.41 26.95 -1.37
CA TRP A 15 -6.96 26.91 -1.36
C TRP A 15 -6.42 26.16 -0.15
N ASN A 16 -5.63 25.12 -0.41
CA ASN A 16 -4.88 24.47 0.65
C ASN A 16 -3.62 25.26 0.89
N ILE A 17 -3.65 26.12 1.90
CA ILE A 17 -2.55 27.03 2.16
C ILE A 17 -1.34 26.32 2.75
N ASP A 18 -1.57 25.11 3.25
CA ASP A 18 -0.52 24.28 3.85
C ASP A 18 0.20 25.04 4.95
N GLY A 19 -0.43 25.12 6.12
CA GLY A 19 0.16 25.78 7.26
C GLY A 19 1.13 24.86 7.98
N LEU A 20 1.34 23.68 7.42
CA LEU A 20 2.28 22.73 7.98
C LEU A 20 3.70 23.04 7.51
N ASP A 21 3.81 23.64 6.33
CA ASP A 21 5.11 24.08 5.81
C ASP A 21 5.52 25.38 6.46
N LEU A 22 6.15 25.28 7.63
CA LEU A 22 6.56 26.45 8.40
C LEU A 22 7.61 27.29 7.67
N ASN A 23 8.33 26.64 6.75
CA ASN A 23 9.33 27.31 5.92
C ASN A 23 8.75 28.53 5.22
N ASN A 24 9.18 29.70 5.66
CA ASN A 24 8.75 30.98 5.08
C ASN A 24 7.24 31.18 5.20
N LEU A 25 6.67 30.74 6.33
CA LEU A 25 5.22 30.66 6.50
C LEU A 25 4.50 32.01 6.58
N SER A 26 4.94 32.88 7.47
CA SER A 26 4.27 34.17 7.68
C SER A 26 4.29 35.06 6.44
N GLU A 27 5.39 35.01 5.70
CA GLU A 27 5.56 35.83 4.50
C GLU A 27 4.65 35.31 3.37
N ARG A 28 4.55 33.99 3.27
CA ARG A 28 3.64 33.38 2.32
C ARG A 28 2.22 33.66 2.75
N ALA A 29 2.02 33.83 4.05
CA ALA A 29 0.70 34.11 4.60
C ALA A 29 0.25 35.51 4.17
N ARG A 30 1.11 36.51 4.39
CA ARG A 30 0.80 37.86 3.93
C ARG A 30 0.62 37.90 2.40
N GLY A 31 1.34 37.03 1.69
CA GLY A 31 1.13 36.93 0.26
C GLY A 31 -0.26 36.42 -0.09
N VAL A 32 -0.66 35.34 0.56
CA VAL A 32 -1.99 34.77 0.38
C VAL A 32 -3.07 35.80 0.68
N CYS A 33 -2.89 36.53 1.78
CA CYS A 33 -3.83 37.57 2.16
C CYS A 33 -3.83 38.71 1.14
N SER A 34 -2.68 38.93 0.51
CA SER A 34 -2.59 39.89 -0.57
C SER A 34 -3.51 39.45 -1.70
N TYR A 35 -3.49 38.16 -2.01
CA TYR A 35 -4.42 37.61 -3.01
C TYR A 35 -5.88 37.78 -2.60
N LEU A 36 -6.21 37.34 -1.40
CA LEU A 36 -7.57 37.39 -0.88
C LEU A 36 -8.14 38.79 -0.90
N ALA A 37 -7.31 39.77 -0.52
CA ALA A 37 -7.72 41.17 -0.53
C ALA A 37 -7.85 41.66 -1.96
N LEU A 38 -6.93 41.23 -2.82
CA LEU A 38 -6.95 41.61 -4.23
C LEU A 38 -8.25 41.23 -4.92
N TYR A 39 -8.62 39.96 -4.85
CA TYR A 39 -9.82 39.50 -5.53
C TYR A 39 -11.08 39.76 -4.73
N SER A 40 -10.94 39.79 -3.41
CA SER A 40 -12.06 39.99 -2.48
C SER A 40 -13.31 39.19 -2.83
N PRO A 41 -13.19 37.84 -2.85
CA PRO A 41 -14.34 37.00 -3.22
C PRO A 41 -15.42 37.01 -2.14
N ASP A 42 -16.60 36.51 -2.48
CA ASP A 42 -17.72 36.50 -1.54
C ASP A 42 -17.54 35.42 -0.49
N VAL A 43 -16.89 34.31 -0.89
CA VAL A 43 -16.67 33.19 0.01
C VAL A 43 -15.25 32.66 -0.19
N ILE A 44 -14.60 32.26 0.90
CA ILE A 44 -13.25 31.70 0.81
C ILE A 44 -13.15 30.41 1.58
N PHE A 45 -12.72 29.36 0.89
CA PHE A 45 -12.49 28.07 1.53
C PHE A 45 -10.99 27.88 1.70
N LEU A 46 -10.56 27.51 2.90
CA LEU A 46 -9.15 27.27 3.16
C LEU A 46 -8.95 25.94 3.86
N GLN A 47 -7.81 25.32 3.60
CA GLN A 47 -7.50 24.02 4.20
C GLN A 47 -6.10 24.03 4.81
N GLU A 48 -5.88 23.14 5.77
CA GLU A 48 -4.61 23.06 6.50
C GLU A 48 -4.19 24.41 7.08
N VAL A 49 -5.11 25.05 7.78
CA VAL A 49 -4.84 26.33 8.43
C VAL A 49 -4.61 26.12 9.92
N ILE A 50 -3.71 26.91 10.50
CA ILE A 50 -3.34 26.78 11.90
C ILE A 50 -3.68 28.06 12.66
N PRO A 51 -3.84 27.98 14.00
CA PRO A 51 -4.28 29.12 14.82
C PRO A 51 -3.58 30.48 14.60
N PRO A 52 -2.24 30.52 14.43
CA PRO A 52 -1.65 31.85 14.16
C PRO A 52 -2.14 32.42 12.84
N TYR A 53 -2.18 31.56 11.83
CA TYR A 53 -2.69 31.91 10.51
C TYR A 53 -4.12 32.43 10.66
N TYR A 54 -4.90 31.76 11.49
CA TYR A 54 -6.28 32.16 11.78
C TYR A 54 -6.35 33.57 12.35
N SER A 55 -5.55 33.84 13.37
CA SER A 55 -5.51 35.16 13.98
C SER A 55 -5.10 36.25 12.99
N TYR A 56 -4.12 35.94 12.14
CA TYR A 56 -3.64 36.87 11.13
C TYR A 56 -4.75 37.18 10.13
N LEU A 57 -5.46 36.13 9.71
CA LEU A 57 -6.60 36.27 8.81
C LEU A 57 -7.66 37.16 9.45
N LYS A 58 -7.86 36.97 10.76
CA LYS A 58 -8.77 37.82 11.53
C LYS A 58 -8.34 39.28 11.43
N LYS A 59 -7.03 39.52 11.53
CA LYS A 59 -6.52 40.89 11.43
C LYS A 59 -6.80 41.53 10.06
N ARG A 60 -6.22 40.96 9.02
CA ARG A 60 -6.33 41.54 7.68
C ARG A 60 -7.75 41.47 7.13
N SER A 61 -8.18 40.28 6.74
CA SER A 61 -9.54 40.10 6.24
C SER A 61 -10.55 40.23 7.38
N SER A 62 -10.84 41.47 7.77
CA SER A 62 -11.73 41.74 8.89
C SER A 62 -13.16 41.96 8.42
N ASN A 63 -13.34 42.11 7.11
CA ASN A 63 -14.67 42.22 6.53
C ASN A 63 -15.27 40.85 6.23
N TYR A 64 -14.74 39.82 6.88
CA TYR A 64 -15.22 38.47 6.69
C TYR A 64 -15.57 37.84 8.04
N GLU A 65 -16.70 37.14 8.09
CA GLU A 65 -17.02 36.30 9.23
C GLU A 65 -16.38 34.93 8.99
N ILE A 66 -15.57 34.49 9.94
CA ILE A 66 -14.78 33.28 9.76
C ILE A 66 -15.29 32.12 10.60
N ILE A 67 -15.46 30.97 9.97
CA ILE A 67 -15.89 29.75 10.64
C ILE A 67 -14.76 28.73 10.54
N THR A 68 -14.46 28.04 11.64
CA THR A 68 -13.36 27.08 11.66
C THR A 68 -13.81 25.63 11.84
N GLY A 69 -13.10 24.71 11.21
CA GLY A 69 -13.40 23.30 11.35
C GLY A 69 -12.94 22.74 12.68
N HIS A 70 -11.91 23.35 13.25
CA HIS A 70 -11.41 22.96 14.56
C HIS A 70 -10.87 24.17 15.31
N GLU A 71 -10.64 24.00 16.60
CA GLU A 71 -10.06 25.04 17.44
C GLU A 71 -8.57 24.82 17.62
N GLU A 72 -8.14 23.58 17.46
CA GLU A 72 -6.77 23.19 17.73
C GLU A 72 -6.16 22.38 16.59
N GLY A 73 -4.84 22.29 16.56
CA GLY A 73 -4.15 21.56 15.52
C GLY A 73 -4.30 22.23 14.16
N TYR A 74 -4.48 21.42 13.12
CA TYR A 74 -4.75 21.95 11.79
C TYR A 74 -6.19 21.68 11.39
N PHE A 75 -6.73 22.52 10.51
CA PHE A 75 -8.14 22.42 10.14
C PHE A 75 -8.46 23.21 8.88
N THR A 76 -9.76 23.26 8.56
CA THR A 76 -10.23 24.03 7.42
C THR A 76 -11.01 25.24 7.92
N ALA A 77 -11.29 26.17 7.02
CA ALA A 77 -12.02 27.38 7.41
C ALA A 77 -12.82 27.96 6.27
N ILE A 78 -13.99 28.50 6.60
CA ILE A 78 -14.84 29.17 5.64
C ILE A 78 -15.04 30.63 6.02
N MET A 79 -14.53 31.53 5.19
CA MET A 79 -14.73 32.95 5.40
C MET A 79 -15.85 33.46 4.50
N LEU A 80 -16.72 34.28 5.06
CA LEU A 80 -17.88 34.77 4.33
C LEU A 80 -17.88 36.29 4.40
N LYS A 81 -17.85 36.94 3.24
CA LYS A 81 -17.88 38.40 3.22
C LYS A 81 -19.20 38.90 3.78
N LYS A 82 -19.14 39.54 4.94
CA LYS A 82 -20.34 40.11 5.54
C LYS A 82 -20.75 41.32 4.71
N SER A 83 -22.06 41.61 4.74
CA SER A 83 -22.71 42.66 3.93
C SER A 83 -23.05 42.13 2.54
N ARG A 84 -22.47 41.00 2.17
CA ARG A 84 -22.79 40.33 0.91
C ARG A 84 -23.42 38.98 1.19
N VAL A 85 -23.06 38.37 2.33
CA VAL A 85 -23.52 37.04 2.69
C VAL A 85 -24.06 36.99 4.12
N LYS A 86 -25.32 36.59 4.27
CA LYS A 86 -25.91 36.43 5.59
C LYS A 86 -25.84 34.98 6.04
N LEU A 87 -25.28 34.74 7.22
CA LEU A 87 -25.06 33.39 7.71
C LEU A 87 -26.29 32.84 8.42
N LYS A 88 -26.82 31.74 7.91
CA LYS A 88 -27.99 31.09 8.52
C LYS A 88 -27.60 30.06 9.58
N SER A 89 -26.64 29.20 9.24
CA SER A 89 -26.15 28.22 10.20
C SER A 89 -24.80 27.62 9.83
N GLN A 90 -24.24 26.84 10.73
CA GLN A 90 -22.99 26.12 10.47
C GLN A 90 -23.03 24.74 11.10
N GLU A 91 -22.62 23.73 10.34
CA GLU A 91 -22.63 22.36 10.82
C GLU A 91 -21.28 21.69 10.58
N ILE A 92 -20.81 20.95 11.57
CA ILE A 92 -19.54 20.24 11.45
C ILE A 92 -19.75 18.75 11.63
N ILE A 93 -19.37 17.97 10.62
CA ILE A 93 -19.60 16.53 10.67
C ILE A 93 -18.29 15.76 10.52
N PRO A 94 -17.83 15.12 11.60
CA PRO A 94 -16.59 14.36 11.54
C PRO A 94 -16.80 13.01 10.83
N PHE A 95 -15.79 12.56 10.11
CA PHE A 95 -15.85 11.25 9.48
C PHE A 95 -15.60 10.19 10.55
N PRO A 96 -16.55 9.25 10.69
CA PRO A 96 -16.48 8.25 11.75
C PRO A 96 -15.26 7.35 11.60
N SER A 97 -14.67 7.37 10.41
CA SER A 97 -13.54 6.51 10.08
C SER A 97 -12.24 7.28 9.92
N THR A 98 -12.28 8.59 10.18
CA THR A 98 -11.09 9.42 10.04
C THR A 98 -10.02 9.04 11.04
N LYS A 99 -8.76 9.20 10.64
CA LYS A 99 -7.64 9.00 11.56
C LYS A 99 -6.69 10.20 11.50
N MET A 100 -7.15 11.29 10.91
CA MET A 100 -6.37 12.52 10.82
C MET A 100 -7.24 13.70 11.24
N MET A 101 -8.27 13.41 12.03
CA MET A 101 -9.17 14.43 12.57
C MET A 101 -9.86 15.24 11.48
N ARG A 102 -9.96 14.66 10.29
CA ARG A 102 -10.58 15.34 9.17
C ARG A 102 -12.08 15.39 9.37
N ASN A 103 -12.74 16.33 8.69
CA ASN A 103 -14.17 16.53 8.85
C ASN A 103 -14.79 17.38 7.75
N LEU A 104 -16.10 17.25 7.61
CA LEU A 104 -16.86 18.02 6.63
C LEU A 104 -17.44 19.26 7.28
N LEU A 105 -16.99 20.42 6.81
CA LEU A 105 -17.47 21.70 7.33
C LEU A 105 -18.55 22.28 6.41
N CYS A 106 -19.80 22.10 6.81
CA CYS A 106 -20.95 22.65 6.11
C CYS A 106 -21.39 23.97 6.71
N VAL A 107 -22.04 24.78 5.89
CA VAL A 107 -22.51 26.12 6.25
C VAL A 107 -23.75 26.41 5.42
N HIS A 108 -24.71 27.13 5.99
CA HIS A 108 -25.91 27.50 5.25
C HIS A 108 -26.05 29.02 5.31
N VAL A 109 -26.18 29.63 4.14
CA VAL A 109 -26.19 31.09 4.03
C VAL A 109 -27.25 31.58 3.04
N ASN A 110 -27.46 32.89 3.02
CA ASN A 110 -28.41 33.51 2.11
C ASN A 110 -27.80 34.66 1.34
N VAL A 111 -27.71 34.51 0.02
CA VAL A 111 -27.21 35.57 -0.85
C VAL A 111 -28.33 36.15 -1.71
N SER A 112 -28.80 37.33 -1.32
CA SER A 112 -29.86 38.05 -2.01
C SER A 112 -31.03 37.15 -2.43
N GLY A 113 -31.63 36.48 -1.46
CA GLY A 113 -32.76 35.61 -1.71
C GLY A 113 -32.35 34.18 -2.03
N ASN A 114 -31.25 34.02 -2.74
CA ASN A 114 -30.77 32.68 -3.09
C ASN A 114 -30.10 32.00 -1.91
N GLU A 115 -30.69 30.91 -1.43
CA GLU A 115 -30.13 30.20 -0.29
C GLU A 115 -29.08 29.19 -0.75
N LEU A 116 -27.89 29.28 -0.16
CA LEU A 116 -26.78 28.41 -0.54
C LEU A 116 -26.32 27.56 0.62
N CYS A 117 -25.77 26.39 0.29
CA CYS A 117 -25.18 25.51 1.28
C CYS A 117 -23.74 25.20 0.86
N LEU A 118 -22.80 25.82 1.55
CA LEU A 118 -21.40 25.72 1.18
C LEU A 118 -20.68 24.71 2.07
N MET A 119 -19.82 23.90 1.46
CA MET A 119 -19.15 22.81 2.18
C MET A 119 -17.67 22.75 1.83
N THR A 120 -16.84 22.47 2.82
CA THR A 120 -15.41 22.31 2.57
C THR A 120 -14.86 21.14 3.37
N SER A 121 -13.77 20.55 2.88
CA SER A 121 -13.14 19.43 3.56
C SER A 121 -11.72 19.19 3.06
N HIS A 122 -10.93 18.55 3.92
CA HIS A 122 -9.59 18.11 3.55
C HIS A 122 -9.50 16.61 3.80
N LEU A 123 -9.80 15.83 2.77
CA LEU A 123 -9.90 14.38 2.91
C LEU A 123 -8.58 13.72 3.28
N GLU A 124 -8.65 12.46 3.70
CA GLU A 124 -7.48 11.71 4.14
C GLU A 124 -6.40 11.66 3.07
N SER A 125 -5.19 12.06 3.46
CA SER A 125 -4.08 12.20 2.53
C SER A 125 -3.40 10.86 2.22
N THR A 126 -2.48 10.90 1.25
CA THR A 126 -1.66 9.75 0.85
C THR A 126 -2.44 8.68 0.11
N ARG A 127 -1.72 7.89 -0.69
CA ARG A 127 -2.31 6.81 -1.45
C ARG A 127 -2.83 5.73 -0.51
N GLY A 128 -2.10 5.53 0.60
CA GLY A 128 -2.40 4.46 1.54
C GLY A 128 -3.78 4.47 2.16
N HIS A 129 -4.45 5.62 2.13
CA HIS A 129 -5.78 5.71 2.71
C HIS A 129 -6.84 5.97 1.64
N ALA A 130 -6.52 5.62 0.40
CA ALA A 130 -7.40 5.86 -0.75
C ALA A 130 -8.82 5.35 -0.47
N ALA A 131 -8.93 4.11 0.00
CA ALA A 131 -10.22 3.52 0.29
C ALA A 131 -10.99 4.41 1.26
N GLU A 132 -10.34 4.79 2.34
CA GLU A 132 -10.97 5.63 3.34
C GLU A 132 -11.39 6.94 2.70
N ARG A 133 -10.51 7.49 1.86
CA ARG A 133 -10.80 8.74 1.18
C ARG A 133 -12.10 8.58 0.40
N MET A 134 -12.23 7.45 -0.28
CA MET A 134 -13.44 7.17 -1.05
C MET A 134 -14.65 7.20 -0.13
N ASN A 135 -14.51 6.54 1.02
CA ASN A 135 -15.56 6.53 2.02
C ASN A 135 -16.00 7.93 2.41
N GLN A 136 -15.04 8.86 2.46
CA GLN A 136 -15.37 10.24 2.76
C GLN A 136 -16.10 10.88 1.59
N LEU A 137 -15.59 10.64 0.38
CA LEU A 137 -16.12 11.30 -0.81
C LEU A 137 -17.61 11.02 -0.98
N LYS A 138 -17.98 9.75 -0.98
CA LYS A 138 -19.39 9.38 -1.04
C LYS A 138 -20.14 10.09 0.08
N MET A 139 -19.57 10.03 1.28
CA MET A 139 -20.19 10.63 2.46
C MET A 139 -20.41 12.12 2.22
N VAL A 140 -19.45 12.74 1.54
CA VAL A 140 -19.59 14.15 1.17
C VAL A 140 -20.72 14.28 0.14
N LEU A 141 -20.61 13.48 -0.92
CA LEU A 141 -21.57 13.50 -2.02
C LEU A 141 -23.00 13.30 -1.50
N LYS A 142 -23.18 12.33 -0.62
CA LYS A 142 -24.49 12.04 -0.09
C LYS A 142 -25.02 13.22 0.72
N LYS A 143 -24.11 13.95 1.39
CA LYS A 143 -24.53 15.11 2.15
C LYS A 143 -24.90 16.23 1.19
N MET A 144 -24.34 16.17 -0.01
CA MET A 144 -24.70 17.10 -1.07
C MET A 144 -26.09 16.68 -1.57
N GLN A 145 -26.33 15.37 -1.59
CA GLN A 145 -27.63 14.86 -1.99
C GLN A 145 -28.68 15.16 -0.92
N GLU A 146 -28.35 14.80 0.32
CA GLU A 146 -29.24 15.01 1.46
C GLU A 146 -29.52 16.48 1.74
N ALA A 147 -28.63 17.36 1.29
CA ALA A 147 -28.80 18.80 1.48
C ALA A 147 -30.16 19.27 0.96
N PRO A 148 -30.76 20.25 1.65
CA PRO A 148 -32.11 20.74 1.37
C PRO A 148 -32.31 21.18 -0.07
N GLU A 149 -33.44 20.79 -0.66
CA GLU A 149 -33.82 21.24 -1.99
C GLU A 149 -33.97 22.75 -2.01
N SER A 150 -34.20 23.32 -3.19
CA SER A 150 -34.32 24.76 -3.37
C SER A 150 -33.01 25.52 -3.13
N ALA A 151 -32.11 24.93 -2.37
CA ALA A 151 -30.85 25.57 -2.03
C ALA A 151 -29.73 25.08 -2.93
N THR A 152 -28.79 25.97 -3.27
CA THR A 152 -27.66 25.61 -4.09
C THR A 152 -26.52 25.04 -3.26
N VAL A 153 -26.05 23.86 -3.63
CA VAL A 153 -25.00 23.21 -2.87
C VAL A 153 -23.66 23.38 -3.57
N ILE A 154 -22.67 23.84 -2.83
CA ILE A 154 -21.32 23.98 -3.37
C ILE A 154 -20.30 23.39 -2.42
N PHE A 155 -19.56 22.40 -2.90
CA PHE A 155 -18.42 21.90 -2.16
C PHE A 155 -17.17 22.44 -2.82
N ALA A 156 -16.16 22.75 -2.01
CA ALA A 156 -14.89 23.22 -2.55
C ALA A 156 -13.80 22.90 -1.54
N GLY A 157 -12.90 22.02 -1.90
CA GLY A 157 -11.86 21.64 -0.96
C GLY A 157 -10.71 20.84 -1.54
N ASP A 158 -9.83 20.38 -0.67
CA ASP A 158 -8.70 19.56 -1.07
C ASP A 158 -9.12 18.10 -0.98
N THR A 159 -9.48 17.53 -2.12
CA THR A 159 -10.04 16.19 -2.16
C THR A 159 -8.97 15.10 -2.15
N ASN A 160 -7.76 15.46 -2.55
CA ASN A 160 -6.66 14.51 -2.68
C ASN A 160 -7.04 13.33 -3.57
N LEU A 161 -7.64 13.63 -4.71
CA LEU A 161 -8.22 12.58 -5.56
C LEU A 161 -7.59 12.52 -6.94
N ARG A 162 -7.72 11.35 -7.56
CA ARG A 162 -7.39 11.17 -8.96
C ARG A 162 -8.67 10.85 -9.73
N ASP A 163 -8.70 11.20 -11.02
CA ASP A 163 -9.87 11.00 -11.85
C ASP A 163 -10.42 9.57 -11.81
N ARG A 164 -9.52 8.62 -11.60
CA ARG A 164 -9.90 7.21 -11.47
C ARG A 164 -10.72 6.95 -10.21
N GLU A 165 -10.26 7.49 -9.09
CA GLU A 165 -10.89 7.26 -7.79
C GLU A 165 -12.36 7.70 -7.76
N VAL A 166 -12.66 8.76 -8.50
CA VAL A 166 -14.03 9.27 -8.58
C VAL A 166 -14.95 8.27 -9.26
N THR A 167 -14.47 7.67 -10.33
CA THR A 167 -15.22 6.64 -11.05
C THR A 167 -15.36 5.37 -10.21
N ARG A 168 -14.30 5.04 -9.47
CA ARG A 168 -14.31 3.87 -8.60
C ARG A 168 -15.42 3.91 -7.54
N CYS A 169 -15.75 5.11 -7.06
CA CYS A 169 -16.80 5.26 -6.05
C CYS A 169 -18.18 4.96 -6.62
N GLY A 170 -18.31 5.04 -7.93
CA GLY A 170 -19.59 4.82 -8.58
C GLY A 170 -19.92 6.04 -9.41
N GLY A 171 -18.98 6.98 -9.45
CA GLY A 171 -19.13 8.20 -10.21
C GLY A 171 -19.96 9.22 -9.45
N LEU A 172 -19.93 10.46 -9.92
CA LEU A 172 -20.72 11.52 -9.30
C LEU A 172 -22.19 11.28 -9.56
N PRO A 173 -23.05 11.71 -8.61
CA PRO A 173 -24.49 11.64 -8.87
C PRO A 173 -24.85 12.52 -10.06
N ASN A 174 -25.95 12.22 -10.72
CA ASN A 174 -26.34 12.92 -11.95
C ASN A 174 -26.64 14.41 -11.77
N ASN A 175 -26.79 14.83 -10.51
CA ASN A 175 -27.07 16.22 -10.20
C ASN A 175 -25.83 16.97 -9.73
N ILE A 176 -24.80 16.21 -9.36
CA ILE A 176 -23.54 16.80 -8.88
C ILE A 176 -22.52 16.83 -10.01
N VAL A 177 -21.87 17.97 -10.18
CA VAL A 177 -20.92 18.15 -11.27
C VAL A 177 -19.62 18.81 -10.80
N ASP A 178 -18.49 18.30 -11.29
CA ASP A 178 -17.20 18.93 -11.06
C ASP A 178 -17.14 20.15 -11.97
N VAL A 179 -16.76 21.29 -11.42
CA VAL A 179 -16.73 22.54 -12.19
C VAL A 179 -15.71 22.48 -13.32
N TRP A 180 -14.57 21.83 -13.05
CA TRP A 180 -13.54 21.68 -14.06
C TRP A 180 -14.06 20.90 -15.25
N GLU A 181 -14.74 19.79 -14.97
CA GLU A 181 -15.36 18.99 -16.00
C GLU A 181 -16.46 19.78 -16.71
N PHE A 182 -17.23 20.53 -15.92
CA PHE A 182 -18.31 21.35 -16.44
C PHE A 182 -17.82 22.38 -17.47
N LEU A 183 -16.58 22.81 -17.32
CA LEU A 183 -16.00 23.79 -18.23
C LEU A 183 -15.18 23.11 -19.34
N GLY A 184 -15.53 21.86 -19.64
CA GLY A 184 -14.89 21.11 -20.71
C GLY A 184 -13.46 20.74 -20.39
N LYS A 185 -13.13 20.76 -19.11
CA LYS A 185 -11.81 20.37 -18.61
C LYS A 185 -10.67 21.20 -19.23
N PRO A 186 -10.59 22.49 -18.87
CA PRO A 186 -9.55 23.41 -19.36
C PRO A 186 -8.14 22.96 -19.01
N LYS A 187 -7.19 23.22 -19.90
CA LYS A 187 -5.80 22.79 -19.72
C LYS A 187 -5.06 23.53 -18.61
N HIS A 188 -5.52 24.74 -18.28
CA HIS A 188 -4.83 25.55 -17.28
C HIS A 188 -5.26 25.18 -15.87
N CYS A 189 -6.47 24.66 -15.73
CA CYS A 189 -6.98 24.23 -14.44
C CYS A 189 -6.70 22.74 -14.24
N GLN A 190 -5.92 22.18 -15.15
CA GLN A 190 -5.63 20.74 -15.16
C GLN A 190 -5.09 20.23 -13.83
N TYR A 191 -4.22 21.02 -13.22
CA TYR A 191 -3.56 20.59 -12.00
C TYR A 191 -3.62 21.66 -10.91
N THR A 192 -3.86 21.23 -9.68
CA THR A 192 -3.85 22.14 -8.54
C THR A 192 -2.66 21.83 -7.65
N TRP A 193 -1.96 20.74 -7.99
CA TRP A 193 -0.73 20.38 -7.32
C TRP A 193 0.31 19.93 -8.34
N ASP A 194 1.19 20.87 -8.71
CA ASP A 194 2.16 20.61 -9.77
C ASP A 194 3.57 20.81 -9.22
N THR A 195 4.33 19.73 -9.15
CA THR A 195 5.66 19.77 -8.57
C THR A 195 6.71 20.25 -9.59
N GLN A 196 6.34 20.23 -10.86
CA GLN A 196 7.20 20.79 -11.90
C GLN A 196 7.28 22.29 -11.76
N MET A 197 6.12 22.93 -11.59
CA MET A 197 6.06 24.38 -11.45
C MET A 197 6.25 24.85 -10.01
N ASN A 198 5.68 24.12 -9.06
CA ASN A 198 5.80 24.47 -7.64
C ASN A 198 6.87 23.66 -6.93
N SER A 199 7.70 24.35 -6.13
CA SER A 199 8.83 23.72 -5.48
C SER A 199 8.89 23.99 -3.97
N ASN A 200 7.77 24.41 -3.39
CA ASN A 200 7.74 24.77 -1.97
C ASN A 200 8.20 23.75 -0.94
N LEU A 201 7.80 22.50 -1.09
CA LEU A 201 8.25 21.46 -0.17
C LEU A 201 9.60 20.87 -0.64
N GLY A 202 10.16 21.50 -1.67
CA GLY A 202 11.44 21.08 -2.22
C GLY A 202 11.52 19.62 -2.62
N ILE A 203 10.82 19.28 -3.69
CA ILE A 203 10.74 17.91 -4.19
C ILE A 203 11.21 17.75 -5.63
N THR A 204 11.97 16.69 -5.91
CA THR A 204 12.42 16.44 -7.28
C THR A 204 11.60 15.30 -7.88
N ALA A 205 10.36 15.61 -8.23
CA ALA A 205 9.50 14.65 -8.89
C ALA A 205 8.57 15.43 -9.80
N ALA A 206 8.09 14.79 -10.86
CA ALA A 206 7.20 15.45 -11.80
C ALA A 206 5.79 14.94 -11.55
N CYS A 207 5.14 15.53 -10.56
CA CYS A 207 3.81 15.11 -10.16
C CYS A 207 2.80 16.18 -10.49
N LYS A 208 1.80 15.83 -11.29
CA LYS A 208 0.77 16.77 -11.71
C LYS A 208 -0.60 16.22 -11.35
N LEU A 209 -1.13 16.64 -10.20
CA LEU A 209 -2.40 16.12 -9.71
C LEU A 209 -3.43 17.21 -9.45
N ARG A 210 -4.69 16.91 -9.73
CA ARG A 210 -5.78 17.83 -9.45
C ARG A 210 -6.42 17.50 -8.11
N PHE A 211 -5.75 17.88 -7.03
CA PHE A 211 -6.22 17.59 -5.68
C PHE A 211 -7.43 18.43 -5.31
N ASP A 212 -7.34 19.74 -5.53
CA ASP A 212 -8.40 20.66 -5.13
C ASP A 212 -9.54 20.66 -6.13
N ARG A 213 -10.75 20.38 -5.64
CA ARG A 213 -11.92 20.27 -6.51
C ARG A 213 -13.12 21.04 -5.97
N ILE A 214 -14.01 21.40 -6.90
CA ILE A 214 -15.27 22.07 -6.60
C ILE A 214 -16.43 21.28 -7.17
N PHE A 215 -17.33 20.83 -6.30
CA PHE A 215 -18.53 20.14 -6.73
C PHE A 215 -19.74 21.07 -6.61
N PHE A 216 -20.74 20.84 -7.46
CA PHE A 216 -21.84 21.77 -7.61
C PHE A 216 -23.17 21.04 -7.76
N ARG A 217 -24.21 21.59 -7.13
CA ARG A 217 -25.55 21.00 -7.22
C ARG A 217 -26.66 22.02 -7.06
N ALA A 218 -27.16 22.54 -8.18
CA ALA A 218 -28.36 23.37 -8.18
C ALA A 218 -29.55 22.44 -8.00
N ALA A 219 -30.61 22.93 -7.36
CA ALA A 219 -31.78 22.08 -7.14
C ALA A 219 -33.09 22.87 -7.28
N ALA A 220 -33.95 22.40 -8.17
CA ALA A 220 -35.25 23.02 -8.38
C ALA A 220 -36.21 22.04 -9.05
N GLU A 222 -33.96 22.36 -12.69
CA GLU A 222 -33.36 23.39 -13.52
C GLU A 222 -32.41 24.27 -12.71
N GLY A 223 -31.34 24.73 -13.34
CA GLY A 223 -30.35 25.56 -12.68
C GLY A 223 -30.63 27.04 -12.78
N HIS A 224 -30.45 27.75 -11.67
CA HIS A 224 -30.63 29.20 -11.65
C HIS A 224 -29.27 29.87 -11.55
N ILE A 225 -28.31 29.16 -10.97
CA ILE A 225 -26.96 29.66 -10.85
C ILE A 225 -26.00 28.87 -11.74
N ILE A 226 -25.22 29.59 -12.54
CA ILE A 226 -24.27 28.96 -13.45
C ILE A 226 -22.83 29.40 -13.17
N PRO A 227 -21.91 28.43 -13.08
CA PRO A 227 -20.49 28.75 -12.88
C PRO A 227 -19.86 29.26 -14.18
N ARG A 228 -19.45 30.53 -14.17
CA ARG A 228 -19.00 31.19 -15.39
C ARG A 228 -17.53 30.90 -15.69
N SER A 229 -16.66 31.18 -14.72
CA SER A 229 -15.22 31.06 -14.96
C SER A 229 -14.50 30.26 -13.89
N LEU A 230 -13.30 29.81 -14.23
CA LEU A 230 -12.45 29.06 -13.30
C LEU A 230 -10.99 29.37 -13.60
N ASP A 231 -10.27 29.83 -12.59
CA ASP A 231 -8.87 30.22 -12.78
C ASP A 231 -8.01 29.84 -11.58
N LEU A 232 -6.70 29.84 -11.79
CA LEU A 232 -5.75 29.54 -10.74
C LEU A 232 -5.11 30.82 -10.21
N LEU A 233 -4.57 30.74 -8.99
CA LEU A 233 -3.87 31.89 -8.44
C LEU A 233 -2.72 31.45 -7.55
N GLY A 234 -1.78 32.36 -7.31
CA GLY A 234 -0.53 32.01 -6.65
C GLY A 234 0.44 31.53 -7.71
N LEU A 235 0.33 32.08 -8.91
CA LEU A 235 1.09 31.62 -10.07
C LEU A 235 2.53 32.14 -10.10
N GLU A 236 2.85 33.06 -9.20
CA GLU A 236 4.19 33.63 -9.16
C GLU A 236 4.87 33.36 -7.82
N LYS A 237 6.18 33.15 -7.87
CA LYS A 237 6.96 33.00 -6.65
C LYS A 237 7.05 34.36 -5.98
N LEU A 238 6.88 34.41 -4.67
CA LEU A 238 6.90 35.68 -3.96
C LEU A 238 8.32 36.22 -3.84
N ASP A 239 8.43 37.43 -3.29
CA ASP A 239 9.74 38.05 -3.08
C ASP A 239 10.46 37.32 -1.96
N CYS A 240 9.70 36.58 -1.15
CA CYS A 240 10.26 35.82 -0.04
C CYS A 240 11.00 34.58 -0.53
N GLY A 241 10.83 34.27 -1.81
CA GLY A 241 11.53 33.16 -2.42
C GLY A 241 10.70 31.89 -2.59
N ARG A 242 9.49 31.90 -2.06
CA ARG A 242 8.62 30.74 -2.18
C ARG A 242 7.26 31.10 -2.78
N PHE A 243 6.54 30.08 -3.24
CA PHE A 243 5.15 30.25 -3.65
C PHE A 243 4.35 30.33 -2.36
N PRO A 244 3.15 30.93 -2.42
CA PRO A 244 2.28 31.01 -1.24
C PRO A 244 2.06 29.65 -0.59
N SER A 245 1.94 28.61 -1.41
CA SER A 245 1.81 27.24 -0.91
C SER A 245 2.25 26.24 -1.95
N ASP A 246 2.23 24.96 -1.60
CA ASP A 246 2.55 23.89 -2.54
C ASP A 246 1.36 23.67 -3.46
N HIS A 247 0.17 23.94 -2.94
CA HIS A 247 -1.06 23.85 -3.72
C HIS A 247 -1.30 25.17 -4.44
N TRP A 248 -1.97 25.11 -5.59
CA TRP A 248 -2.35 26.32 -6.30
C TRP A 248 -3.74 26.76 -5.85
N GLY A 249 -3.91 28.07 -5.67
CA GLY A 249 -5.20 28.60 -5.28
C GLY A 249 -6.18 28.46 -6.43
N LEU A 250 -7.46 28.37 -6.10
CA LEU A 250 -8.48 28.12 -7.11
C LEU A 250 -9.64 29.09 -6.97
N LEU A 251 -9.72 30.03 -7.90
CA LEU A 251 -10.81 30.99 -7.95
C LEU A 251 -11.87 30.50 -8.92
N CYS A 252 -13.13 30.73 -8.56
CA CYS A 252 -14.24 30.34 -9.40
C CYS A 252 -15.31 31.42 -9.42
N ASN A 253 -15.70 31.82 -10.62
CA ASN A 253 -16.76 32.80 -10.81
C ASN A 253 -18.04 32.14 -11.32
N LEU A 254 -19.17 32.64 -10.83
CA LEU A 254 -20.48 32.06 -11.07
C LEU A 254 -21.49 33.19 -11.19
N ASP A 255 -22.68 32.89 -11.73
CA ASP A 255 -23.71 33.91 -11.86
C ASP A 255 -25.09 33.32 -11.60
N ILE A 256 -26.02 34.17 -11.18
CA ILE A 256 -27.37 33.73 -10.83
C ILE A 256 -28.40 34.57 -11.58
N ILE A 257 -29.64 34.08 -11.69
CA ILE A 257 -30.73 34.81 -12.31
C ILE A 257 -30.87 36.23 -11.75
N GLY C 7 16.75 -50.81 3.10
CA GLY C 7 16.29 -49.66 3.84
C GLY C 7 15.74 -48.58 2.93
N SER C 8 14.50 -48.77 2.47
CA SER C 8 13.85 -47.81 1.59
C SER C 8 13.01 -46.80 2.35
N MET C 9 13.35 -45.53 2.20
CA MET C 9 12.67 -44.43 2.89
C MET C 9 13.20 -43.13 2.31
N PHE C 10 12.46 -42.03 2.48
CA PHE C 10 12.87 -40.77 1.89
C PHE C 10 12.58 -39.60 2.81
N SER C 11 13.57 -38.75 3.04
CA SER C 11 13.44 -37.65 3.98
C SER C 11 13.97 -36.34 3.40
N LEU C 12 13.26 -35.23 3.65
CA LEU C 12 13.71 -33.94 3.16
C LEU C 12 13.66 -32.86 4.24
N ILE C 13 14.38 -31.76 4.00
CA ILE C 13 14.42 -30.65 4.93
C ILE C 13 14.42 -29.32 4.18
N THR C 14 13.45 -28.46 4.48
CA THR C 14 13.45 -27.11 3.93
C THR C 14 13.70 -26.09 5.05
N TRP C 15 14.45 -25.04 4.75
CA TRP C 15 14.86 -24.09 5.78
C TRP C 15 15.36 -22.77 5.22
N ASN C 16 14.73 -21.67 5.61
CA ASN C 16 15.23 -20.34 5.31
C ASN C 16 16.27 -19.96 6.36
N ILE C 17 17.54 -20.17 6.03
CA ILE C 17 18.64 -19.96 6.97
C ILE C 17 18.96 -18.49 7.21
N ASP C 18 18.46 -17.62 6.34
CA ASP C 18 18.70 -16.18 6.41
C ASP C 18 20.19 -15.84 6.48
N GLY C 19 20.86 -15.95 5.34
CA GLY C 19 22.27 -15.61 5.25
C GLY C 19 22.51 -14.13 5.07
N LEU C 20 21.43 -13.35 5.05
CA LEU C 20 21.55 -11.89 4.93
C LEU C 20 21.82 -11.28 6.29
N ASP C 21 21.38 -11.97 7.34
CA ASP C 21 21.66 -11.53 8.70
C ASP C 21 23.10 -11.90 9.05
N LEU C 22 24.03 -11.00 8.74
CA LEU C 22 25.45 -11.24 8.96
C LEU C 22 25.79 -11.43 10.44
N ASN C 23 24.92 -10.92 11.31
CA ASN C 23 25.06 -11.07 12.74
C ASN C 23 25.28 -12.53 13.14
N ASN C 24 26.50 -12.86 13.54
CA ASN C 24 26.85 -14.21 13.97
C ASN C 24 26.59 -15.25 12.88
N LEU C 25 26.92 -14.89 11.65
CA LEU C 25 26.53 -15.69 10.49
C LEU C 25 27.20 -17.07 10.40
N SER C 26 28.52 -17.10 10.47
CA SER C 26 29.24 -18.35 10.36
C SER C 26 28.86 -19.29 11.50
N GLU C 27 28.66 -18.71 12.67
CA GLU C 27 28.34 -19.49 13.86
C GLU C 27 26.97 -20.18 13.69
N ARG C 28 26.01 -19.43 13.15
CA ARG C 28 24.69 -19.97 12.87
C ARG C 28 24.81 -21.00 11.76
N ALA C 29 25.80 -20.82 10.91
CA ALA C 29 26.04 -21.74 9.81
C ALA C 29 26.50 -23.08 10.35
N ARG C 30 27.48 -23.06 11.24
CA ARG C 30 27.94 -24.29 11.88
C ARG C 30 26.80 -24.98 12.60
N GLY C 31 25.89 -24.20 13.18
CA GLY C 31 24.73 -24.79 13.81
C GLY C 31 23.81 -25.52 12.84
N VAL C 32 23.46 -24.82 11.77
CA VAL C 32 22.60 -25.37 10.72
C VAL C 32 23.19 -26.66 10.15
N CYS C 33 24.49 -26.63 9.86
CA CYS C 33 25.17 -27.82 9.34
C CYS C 33 25.19 -28.94 10.36
N SER C 34 25.23 -28.59 11.65
CA SER C 34 25.12 -29.59 12.70
C SER C 34 23.78 -30.31 12.61
N TYR C 35 22.71 -29.54 12.41
CA TYR C 35 21.40 -30.15 12.22
C TYR C 35 21.34 -31.05 10.98
N LEU C 36 21.80 -30.51 9.85
CA LEU C 36 21.80 -31.23 8.58
C LEU C 36 22.57 -32.54 8.67
N ALA C 37 23.70 -32.52 9.39
CA ALA C 37 24.49 -33.73 9.58
C ALA C 37 23.76 -34.70 10.50
N LEU C 38 23.12 -34.16 11.53
CA LEU C 38 22.34 -34.97 12.47
C LEU C 38 21.27 -35.80 11.77
N TYR C 39 20.42 -35.13 11.00
CA TYR C 39 19.31 -35.85 10.34
C TYR C 39 19.75 -36.54 9.04
N SER C 40 20.76 -35.97 8.39
CA SER C 40 21.29 -36.48 7.12
C SER C 40 20.20 -36.88 6.13
N PRO C 41 19.31 -35.93 5.77
CA PRO C 41 18.21 -36.29 4.88
C PRO C 41 18.71 -36.51 3.45
N ASP C 42 17.86 -37.08 2.60
CA ASP C 42 18.23 -37.36 1.23
C ASP C 42 18.23 -36.07 0.41
N VAL C 43 17.36 -35.14 0.79
CA VAL C 43 17.21 -33.87 0.09
C VAL C 43 17.10 -32.71 1.06
N ILE C 44 17.73 -31.59 0.73
CA ILE C 44 17.66 -30.39 1.56
C ILE C 44 17.37 -29.14 0.74
N PHE C 45 16.32 -28.42 1.11
CA PHE C 45 15.99 -27.15 0.48
C PHE C 45 16.40 -25.98 1.39
N LEU C 46 17.11 -25.02 0.82
CA LEU C 46 17.55 -23.85 1.58
C LEU C 46 17.21 -22.56 0.84
N GLN C 47 16.99 -21.49 1.60
CA GLN C 47 16.69 -20.18 1.02
C GLN C 47 17.56 -19.09 1.65
N GLU C 48 17.71 -17.98 0.92
CA GLU C 48 18.55 -16.86 1.35
C GLU C 48 19.99 -17.27 1.69
N VAL C 49 20.63 -17.97 0.77
CA VAL C 49 22.01 -18.41 0.96
C VAL C 49 22.98 -17.53 0.18
N ILE C 50 24.15 -17.27 0.75
CA ILE C 50 25.14 -16.40 0.14
C ILE C 50 26.44 -17.17 -0.12
N PRO C 51 27.27 -16.71 -1.06
CA PRO C 51 28.49 -17.43 -1.48
C PRO C 51 29.42 -17.98 -0.38
N PRO C 52 29.68 -17.21 0.71
CA PRO C 52 30.53 -17.83 1.75
C PRO C 52 29.83 -19.01 2.42
N TYR C 53 28.56 -18.81 2.76
CA TYR C 53 27.73 -19.85 3.33
C TYR C 53 27.71 -21.06 2.41
N TYR C 54 27.58 -20.79 1.11
CA TYR C 54 27.60 -21.83 0.09
C TYR C 54 28.90 -22.62 0.07
N SER C 55 30.03 -21.91 0.07
CA SER C 55 31.34 -22.54 0.06
C SER C 55 31.51 -23.42 1.29
N TYR C 56 31.01 -22.93 2.42
CA TYR C 56 31.07 -23.71 3.65
C TYR C 56 30.23 -24.98 3.56
N LEU C 57 29.03 -24.86 3.01
CA LEU C 57 28.16 -26.01 2.81
C LEU C 57 28.78 -27.06 1.90
N LYS C 58 29.36 -26.60 0.80
CA LYS C 58 30.08 -27.47 -0.14
C LYS C 58 31.23 -28.18 0.55
N LYS C 59 31.97 -27.43 1.37
CA LYS C 59 33.11 -27.97 2.09
C LYS C 59 32.68 -29.08 3.06
N ARG C 60 31.82 -28.74 4.01
CA ARG C 60 31.41 -29.68 5.05
C ARG C 60 30.60 -30.84 4.50
N SER C 61 29.36 -30.59 4.13
CA SER C 61 28.49 -31.61 3.55
C SER C 61 28.96 -32.00 2.16
N SER C 62 29.95 -32.89 2.09
CA SER C 62 30.56 -33.27 0.82
C SER C 62 29.90 -34.50 0.18
N ASN C 63 29.04 -35.17 0.94
CA ASN C 63 28.27 -36.28 0.41
C ASN C 63 26.99 -35.83 -0.26
N TYR C 64 26.94 -34.55 -0.61
CA TYR C 64 25.77 -33.97 -1.27
C TYR C 64 26.14 -33.26 -2.57
N GLU C 65 25.33 -33.48 -3.59
CA GLU C 65 25.39 -32.71 -4.82
C GLU C 65 24.57 -31.45 -4.59
N ILE C 66 25.18 -30.29 -4.74
CA ILE C 66 24.50 -29.04 -4.41
C ILE C 66 24.17 -28.23 -5.67
N ILE C 67 22.90 -27.82 -5.78
CA ILE C 67 22.46 -27.00 -6.90
C ILE C 67 22.02 -25.64 -6.37
N THR C 68 22.42 -24.57 -7.05
CA THR C 68 22.10 -23.22 -6.60
C THR C 68 21.19 -22.49 -7.56
N GLY C 69 20.33 -21.63 -7.01
CA GLY C 69 19.42 -20.83 -7.80
C GLY C 69 20.14 -19.68 -8.47
N HIS C 70 21.24 -19.24 -7.87
CA HIS C 70 22.06 -18.17 -8.41
C HIS C 70 23.54 -18.40 -8.12
N GLU C 71 24.38 -17.64 -8.80
CA GLU C 71 25.83 -17.71 -8.62
C GLU C 71 26.39 -16.54 -7.78
N GLU C 72 25.56 -15.51 -7.59
CA GLU C 72 25.95 -14.34 -6.80
C GLU C 72 24.80 -13.80 -5.98
N GLY C 73 25.12 -12.96 -4.99
CA GLY C 73 24.11 -12.41 -4.10
C GLY C 73 23.52 -13.47 -3.20
N TYR C 74 22.21 -13.41 -2.98
CA TYR C 74 21.53 -14.43 -2.20
C TYR C 74 20.63 -15.29 -3.09
N PHE C 75 20.37 -16.52 -2.67
CA PHE C 75 19.64 -17.47 -3.51
C PHE C 75 19.11 -18.66 -2.73
N THR C 76 18.55 -19.62 -3.45
CA THR C 76 18.08 -20.87 -2.86
C THR C 76 18.98 -22.01 -3.29
N ALA C 77 18.86 -23.16 -2.63
CA ALA C 77 19.73 -24.29 -2.94
C ALA C 77 19.09 -25.64 -2.64
N ILE C 78 19.38 -26.63 -3.49
CA ILE C 78 18.93 -27.99 -3.28
C ILE C 78 20.11 -28.95 -3.16
N MET C 79 20.26 -29.56 -2.00
CA MET C 79 21.29 -30.56 -1.77
C MET C 79 20.73 -31.97 -1.87
N LEU C 80 21.46 -32.85 -2.55
CA LEU C 80 20.99 -34.21 -2.80
C LEU C 80 22.02 -35.23 -2.34
N LYS C 81 21.61 -36.14 -1.47
CA LYS C 81 22.49 -37.19 -0.98
C LYS C 81 22.95 -38.09 -2.12
N LYS C 82 24.25 -38.08 -2.41
CA LYS C 82 24.80 -38.93 -3.46
C LYS C 82 24.77 -40.38 -3.00
N SER C 83 24.64 -41.29 -3.97
CA SER C 83 24.55 -42.75 -3.77
C SER C 83 23.15 -43.17 -3.33
N ARG C 84 22.35 -42.20 -2.91
CA ARG C 84 20.97 -42.45 -2.52
C ARG C 84 20.04 -41.73 -3.50
N VAL C 85 20.54 -40.66 -4.10
CA VAL C 85 19.76 -39.87 -5.04
C VAL C 85 20.57 -39.62 -6.31
N LYS C 86 20.04 -40.08 -7.43
CA LYS C 86 20.68 -39.87 -8.73
C LYS C 86 20.02 -38.70 -9.43
N LEU C 87 20.83 -37.74 -9.88
CA LEU C 87 20.30 -36.52 -10.47
C LEU C 87 19.99 -36.71 -11.94
N LYS C 88 18.73 -36.48 -12.31
CA LYS C 88 18.28 -36.62 -13.68
C LYS C 88 18.48 -35.32 -14.46
N SER C 89 18.02 -34.21 -13.89
CA SER C 89 18.22 -32.90 -14.51
C SER C 89 17.97 -31.77 -13.53
N GLN C 90 18.28 -30.54 -13.96
CA GLN C 90 18.01 -29.36 -13.16
C GLN C 90 17.54 -28.21 -14.06
N GLU C 91 16.49 -27.52 -13.65
CA GLU C 91 15.96 -26.40 -14.42
C GLU C 91 15.81 -25.17 -13.54
N ILE C 92 16.20 -24.01 -14.06
CA ILE C 92 16.08 -22.76 -13.33
C ILE C 92 15.20 -21.80 -14.10
N ILE C 93 14.10 -21.37 -13.49
CA ILE C 93 13.13 -20.53 -14.19
C ILE C 93 12.93 -19.21 -13.45
N PRO C 94 13.42 -18.11 -14.03
CA PRO C 94 13.23 -16.84 -13.33
C PRO C 94 11.80 -16.34 -13.47
N PHE C 95 11.28 -15.71 -12.42
CA PHE C 95 9.97 -15.08 -12.50
C PHE C 95 10.12 -13.76 -13.23
N PRO C 96 9.37 -13.58 -14.32
CA PRO C 96 9.50 -12.42 -15.23
C PRO C 96 9.13 -11.09 -14.57
N SER C 97 8.44 -11.13 -13.43
CA SER C 97 7.95 -9.91 -12.81
C SER C 97 8.67 -9.54 -11.51
N THR C 98 9.69 -10.30 -11.16
CA THR C 98 10.44 -10.05 -9.93
C THR C 98 11.20 -8.73 -9.95
N LYS C 99 11.36 -8.14 -8.77
CA LYS C 99 12.21 -6.98 -8.59
C LYS C 99 13.14 -7.28 -7.44
N MET C 100 13.21 -8.57 -7.08
CA MET C 100 14.08 -9.03 -6.01
C MET C 100 14.88 -10.26 -6.45
N MET C 101 15.06 -10.40 -7.76
CA MET C 101 15.88 -11.47 -8.35
C MET C 101 15.43 -12.89 -7.99
N ARG C 102 14.16 -13.05 -7.62
CA ARG C 102 13.65 -14.36 -7.22
C ARG C 102 13.44 -15.29 -8.42
N ASN C 103 13.37 -16.58 -8.16
CA ASN C 103 13.21 -17.58 -9.21
C ASN C 103 12.80 -18.95 -8.68
N LEU C 104 12.25 -19.76 -9.57
CA LEU C 104 11.83 -21.13 -9.26
C LEU C 104 12.94 -22.11 -9.64
N LEU C 105 13.48 -22.79 -8.63
CA LEU C 105 14.51 -23.79 -8.85
C LEU C 105 13.92 -25.19 -8.86
N CYS C 106 13.73 -25.73 -10.06
CA CYS C 106 13.25 -27.09 -10.24
C CYS C 106 14.41 -28.06 -10.45
N VAL C 107 14.18 -29.33 -10.11
CA VAL C 107 15.18 -30.39 -10.19
C VAL C 107 14.42 -31.70 -10.40
N HIS C 108 15.00 -32.62 -11.17
CA HIS C 108 14.41 -33.93 -11.37
C HIS C 108 15.43 -35.01 -11.02
N VAL C 109 15.02 -35.94 -10.16
CA VAL C 109 15.94 -36.95 -9.64
C VAL C 109 15.32 -38.34 -9.61
N ASN C 110 16.14 -39.33 -9.30
CA ASN C 110 15.68 -40.71 -9.20
C ASN C 110 16.10 -41.34 -7.88
N VAL C 111 15.12 -41.68 -7.06
CA VAL C 111 15.39 -42.35 -5.79
C VAL C 111 14.94 -43.81 -5.84
N SER C 112 15.91 -44.70 -6.00
CA SER C 112 15.68 -46.15 -6.08
C SER C 112 14.48 -46.54 -6.95
N GLY C 113 14.52 -46.13 -8.21
CA GLY C 113 13.45 -46.46 -9.15
C GLY C 113 12.35 -45.41 -9.18
N ASN C 114 12.07 -44.80 -8.03
CA ASN C 114 11.01 -43.80 -7.94
C ASN C 114 11.44 -42.46 -8.54
N GLU C 115 10.71 -42.01 -9.55
CA GLU C 115 11.04 -40.76 -10.24
C GLU C 115 10.46 -39.57 -9.50
N LEU C 116 11.33 -38.61 -9.15
CA LEU C 116 10.92 -37.45 -8.37
C LEU C 116 11.17 -36.11 -9.04
N CYS C 117 10.33 -35.13 -8.72
CA CYS C 117 10.51 -33.76 -9.18
C CYS C 117 10.47 -32.80 -8.00
N LEU C 118 11.63 -32.29 -7.61
CA LEU C 118 11.77 -31.45 -6.43
C LEU C 118 11.85 -29.98 -6.84
N MET C 119 11.14 -29.11 -6.12
CA MET C 119 11.11 -27.70 -6.48
C MET C 119 11.24 -26.80 -5.25
N THR C 120 11.99 -25.71 -5.38
CA THR C 120 12.11 -24.75 -4.29
C THR C 120 12.09 -23.31 -4.80
N SER C 121 11.68 -22.39 -3.94
CA SER C 121 11.62 -20.98 -4.31
C SER C 121 11.54 -20.08 -3.08
N HIS C 122 11.96 -18.84 -3.25
CA HIS C 122 11.81 -17.82 -2.21
C HIS C 122 11.02 -16.66 -2.79
N LEU C 123 9.71 -16.70 -2.63
CA LEU C 123 8.81 -15.74 -3.28
C LEU C 123 9.02 -14.32 -2.78
N GLU C 124 8.43 -13.37 -3.51
CA GLU C 124 8.59 -11.94 -3.21
C GLU C 124 8.15 -11.62 -1.78
N SER C 125 9.05 -10.98 -1.03
CA SER C 125 8.83 -10.73 0.39
C SER C 125 7.97 -9.50 0.65
N THR C 126 7.60 -9.32 1.92
CA THR C 126 6.83 -8.17 2.40
C THR C 126 5.37 -8.17 1.92
N ARG C 127 4.51 -7.51 2.69
CA ARG C 127 3.10 -7.41 2.36
C ARG C 127 2.87 -6.57 1.10
N GLY C 128 3.67 -5.51 0.94
CA GLY C 128 3.48 -4.56 -0.13
C GLY C 128 3.56 -5.13 -1.53
N HIS C 129 4.16 -6.30 -1.68
CA HIS C 129 4.29 -6.94 -2.98
C HIS C 129 3.48 -8.22 -3.07
N ALA C 130 2.46 -8.33 -2.21
CA ALA C 130 1.62 -9.52 -2.13
C ALA C 130 1.14 -9.96 -3.51
N ALA C 131 0.62 -9.01 -4.28
CA ALA C 131 0.10 -9.29 -5.61
C ALA C 131 1.15 -9.99 -6.44
N GLU C 132 2.37 -9.43 -6.46
CA GLU C 132 3.44 -10.00 -7.24
C GLU C 132 3.70 -11.43 -6.79
N ARG C 133 3.71 -11.62 -5.47
CA ARG C 133 3.94 -12.93 -4.90
C ARG C 133 2.93 -13.93 -5.46
N MET C 134 1.67 -13.49 -5.54
CA MET C 134 0.61 -14.34 -6.06
C MET C 134 0.94 -14.78 -7.47
N ASN C 135 1.36 -13.82 -8.30
CA ASN C 135 1.76 -14.12 -9.68
C ASN C 135 2.81 -15.22 -9.73
N GLN C 136 3.72 -15.21 -8.76
CA GLN C 136 4.74 -16.24 -8.68
C GLN C 136 4.11 -17.57 -8.28
N LEU C 137 3.23 -17.53 -7.28
CA LEU C 137 2.64 -18.73 -6.72
C LEU C 137 1.94 -19.57 -7.77
N LYS C 138 1.04 -18.94 -8.53
CA LYS C 138 0.36 -19.60 -9.63
C LYS C 138 1.40 -20.25 -10.54
N MET C 139 2.42 -19.48 -10.90
CA MET C 139 3.46 -19.95 -11.81
C MET C 139 4.12 -21.19 -11.24
N VAL C 140 4.26 -21.24 -9.92
CA VAL C 140 4.81 -22.43 -9.28
C VAL C 140 3.84 -23.58 -9.43
N LEU C 141 2.59 -23.35 -9.01
CA LEU C 141 1.57 -24.39 -9.03
C LEU C 141 1.38 -25.01 -10.41
N LYS C 142 1.30 -24.16 -11.42
CA LYS C 142 1.10 -24.63 -12.78
C LYS C 142 2.26 -25.50 -13.24
N LYS C 143 3.46 -25.23 -12.71
CA LYS C 143 4.61 -26.05 -13.07
C LYS C 143 4.57 -27.42 -12.39
N MET C 144 3.85 -27.53 -11.27
CA MET C 144 3.71 -28.81 -10.60
C MET C 144 2.77 -29.76 -11.33
N GLN C 145 1.68 -29.23 -11.87
CA GLN C 145 0.75 -30.03 -12.66
C GLN C 145 1.36 -30.34 -14.03
N GLU C 146 1.91 -29.32 -14.68
CA GLU C 146 2.52 -29.47 -16.00
C GLU C 146 3.70 -30.45 -15.96
N ALA C 147 4.27 -30.62 -14.77
CA ALA C 147 5.34 -31.59 -14.53
C ALA C 147 4.87 -32.96 -14.99
N PRO C 148 5.81 -33.81 -15.47
CA PRO C 148 5.47 -35.09 -16.09
C PRO C 148 4.51 -35.93 -15.25
N GLU C 149 3.51 -36.50 -15.92
CA GLU C 149 2.53 -37.37 -15.28
C GLU C 149 3.18 -38.61 -14.67
N SER C 150 4.37 -38.95 -15.15
CA SER C 150 5.07 -40.14 -14.71
C SER C 150 5.84 -39.94 -13.40
N ALA C 151 6.21 -38.69 -13.13
CA ALA C 151 7.04 -38.36 -11.97
C ALA C 151 6.24 -37.82 -10.80
N THR C 152 6.70 -38.12 -9.59
CA THR C 152 6.10 -37.57 -8.38
C THR C 152 6.72 -36.22 -8.07
N VAL C 153 5.87 -35.21 -7.88
CA VAL C 153 6.33 -33.85 -7.69
C VAL C 153 6.29 -33.41 -6.22
N ILE C 154 7.38 -32.82 -5.75
CA ILE C 154 7.46 -32.29 -4.40
C ILE C 154 8.03 -30.88 -4.41
N PHE C 155 7.24 -29.91 -3.94
CA PHE C 155 7.73 -28.55 -3.76
C PHE C 155 7.96 -28.30 -2.27
N ALA C 156 8.97 -27.51 -1.95
CA ALA C 156 9.25 -27.16 -0.57
C ALA C 156 10.02 -25.85 -0.51
N GLY C 157 9.40 -24.81 0.05
CA GLY C 157 10.07 -23.52 0.10
C GLY C 157 9.46 -22.47 0.99
N ASP C 158 10.05 -21.27 0.93
CA ASP C 158 9.59 -20.12 1.69
C ASP C 158 8.59 -19.31 0.87
N THR C 159 7.31 -19.50 1.12
CA THR C 159 6.25 -18.90 0.31
C THR C 159 5.92 -17.46 0.68
N ASN C 160 6.24 -17.07 1.92
CA ASN C 160 5.91 -15.74 2.43
C ASN C 160 4.43 -15.42 2.30
N LEU C 161 3.59 -16.38 2.68
CA LEU C 161 2.16 -16.30 2.43
C LEU C 161 1.30 -16.33 3.70
N ARG C 162 0.05 -15.91 3.55
CA ARG C 162 -0.94 -16.06 4.60
C ARG C 162 -1.93 -17.13 4.15
N ASP C 163 -2.51 -17.85 5.11
CA ASP C 163 -3.44 -18.93 4.81
C ASP C 163 -4.59 -18.48 3.91
N ARG C 164 -5.01 -17.22 4.10
CA ARG C 164 -6.06 -16.63 3.28
C ARG C 164 -5.62 -16.41 1.84
N GLU C 165 -4.41 -15.86 1.68
CA GLU C 165 -3.88 -15.48 0.38
C GLU C 165 -3.81 -16.64 -0.62
N VAL C 166 -3.61 -17.85 -0.11
CA VAL C 166 -3.55 -19.04 -0.96
C VAL C 166 -4.91 -19.27 -1.62
N THR C 167 -5.97 -19.11 -0.84
CA THR C 167 -7.32 -19.22 -1.38
C THR C 167 -7.61 -18.02 -2.28
N ARG C 168 -7.06 -16.87 -1.92
CA ARG C 168 -7.21 -15.64 -2.69
C ARG C 168 -6.70 -15.79 -4.12
N CYS C 169 -5.63 -16.56 -4.29
CA CYS C 169 -5.07 -16.80 -5.62
C CYS C 169 -5.98 -17.70 -6.45
N GLY C 170 -6.83 -18.46 -5.76
CA GLY C 170 -7.73 -19.39 -6.42
C GLY C 170 -7.62 -20.80 -5.88
N GLY C 171 -6.78 -20.99 -4.87
CA GLY C 171 -6.65 -22.28 -4.22
C GLY C 171 -5.82 -23.31 -4.95
N LEU C 172 -5.46 -24.38 -4.24
CA LEU C 172 -4.71 -25.48 -4.81
C LEU C 172 -5.56 -26.30 -5.78
N PRO C 173 -4.93 -26.84 -6.82
CA PRO C 173 -5.59 -27.79 -7.72
C PRO C 173 -5.96 -29.06 -6.96
N ASN C 174 -6.94 -29.81 -7.48
CA ASN C 174 -7.40 -31.02 -6.82
C ASN C 174 -6.32 -32.10 -6.75
N ASN C 175 -5.24 -31.91 -7.49
CA ASN C 175 -4.16 -32.90 -7.56
C ASN C 175 -2.97 -32.56 -6.66
N ILE C 176 -2.81 -31.28 -6.33
CA ILE C 176 -1.71 -30.84 -5.47
C ILE C 176 -2.21 -30.52 -4.06
N VAL C 177 -1.50 -30.99 -3.05
CA VAL C 177 -1.90 -30.78 -1.67
C VAL C 177 -0.72 -30.37 -0.78
N ASP C 178 -0.98 -29.44 0.14
CA ASP C 178 0.01 -29.08 1.15
C ASP C 178 0.08 -30.20 2.17
N VAL C 179 1.29 -30.61 2.52
CA VAL C 179 1.52 -31.74 3.42
C VAL C 179 0.96 -31.49 4.82
N TRP C 180 1.07 -30.25 5.30
CA TRP C 180 0.55 -29.89 6.62
C TRP C 180 -0.95 -30.14 6.71
N GLU C 181 -1.68 -29.72 5.69
CA GLU C 181 -3.12 -29.97 5.60
C GLU C 181 -3.39 -31.47 5.51
N PHE C 182 -2.60 -32.15 4.68
CA PHE C 182 -2.72 -33.59 4.47
C PHE C 182 -2.54 -34.39 5.76
N LEU C 183 -1.76 -33.84 6.68
CA LEU C 183 -1.51 -34.49 7.96
C LEU C 183 -2.44 -34.00 9.06
N GLY C 184 -3.61 -33.51 8.69
CA GLY C 184 -4.62 -33.12 9.65
C GLY C 184 -4.30 -31.88 10.46
N LYS C 185 -3.40 -31.04 9.95
CA LYS C 185 -3.03 -29.79 10.60
C LYS C 185 -2.46 -30.00 12.01
N PRO C 186 -1.23 -30.55 12.11
CA PRO C 186 -0.62 -30.80 13.42
C PRO C 186 -0.47 -29.54 14.26
N LYS C 187 -0.64 -29.69 15.56
CA LYS C 187 -0.62 -28.55 16.49
C LYS C 187 0.78 -27.95 16.70
N HIS C 188 1.81 -28.78 16.53
CA HIS C 188 3.18 -28.34 16.76
C HIS C 188 3.83 -27.67 15.55
N CYS C 189 3.38 -28.04 14.36
CA CYS C 189 3.94 -27.51 13.12
C CYS C 189 3.18 -26.29 12.59
N GLN C 190 2.25 -25.77 13.40
CA GLN C 190 1.37 -24.68 12.97
C GLN C 190 2.08 -23.45 12.39
N TYR C 191 3.22 -23.08 12.97
CA TYR C 191 3.93 -21.89 12.52
C TYR C 191 5.41 -22.13 12.25
N THR C 192 5.91 -21.52 11.17
CA THR C 192 7.33 -21.61 10.82
C THR C 192 8.05 -20.28 10.97
N TRP C 193 7.30 -19.22 11.27
CA TRP C 193 7.89 -17.91 11.53
C TRP C 193 7.21 -17.29 12.74
N ASP C 194 7.84 -17.45 13.91
CA ASP C 194 7.25 -17.03 15.17
C ASP C 194 8.15 -16.03 15.88
N THR C 195 7.69 -14.79 16.00
CA THR C 195 8.49 -13.74 16.62
C THR C 195 8.38 -13.78 18.15
N GLN C 196 7.39 -14.51 18.65
CA GLN C 196 7.28 -14.75 20.08
C GLN C 196 8.41 -15.65 20.55
N MET C 197 8.63 -16.73 19.81
CA MET C 197 9.67 -17.71 20.15
C MET C 197 11.03 -17.29 19.62
N ASN C 198 11.06 -16.76 18.40
CA ASN C 198 12.30 -16.30 17.80
C ASN C 198 12.47 -14.79 17.92
N SER C 199 13.67 -14.36 18.30
CA SER C 199 13.93 -12.95 18.55
C SER C 199 15.15 -12.47 17.79
N ASN C 200 15.55 -13.23 16.76
CA ASN C 200 16.73 -12.94 15.98
C ASN C 200 16.70 -11.57 15.29
N LEU C 201 15.55 -11.21 14.74
CA LEU C 201 15.41 -9.92 14.05
C LEU C 201 15.20 -8.77 15.02
N GLY C 202 15.07 -9.09 16.31
CA GLY C 202 14.89 -8.11 17.36
C GLY C 202 13.71 -7.19 17.14
N ILE C 203 12.50 -7.76 17.12
CA ILE C 203 11.28 -7.00 16.93
C ILE C 203 10.27 -7.28 18.04
N THR C 204 9.53 -6.27 18.45
CA THR C 204 8.53 -6.43 19.51
C THR C 204 7.12 -6.56 18.96
N ALA C 205 6.84 -7.73 18.37
CA ALA C 205 5.52 -8.05 17.87
C ALA C 205 5.32 -9.56 17.97
N ALA C 206 4.07 -9.99 18.07
CA ALA C 206 3.76 -11.40 18.20
C ALA C 206 3.19 -11.94 16.90
N CYS C 207 4.07 -12.29 15.97
CA CYS C 207 3.65 -12.75 14.65
C CYS C 207 3.97 -14.23 14.45
N LYS C 208 2.94 -15.02 14.17
CA LYS C 208 3.08 -16.45 13.95
C LYS C 208 2.52 -16.83 12.60
N LEU C 209 3.41 -16.95 11.61
CA LEU C 209 2.99 -17.21 10.24
C LEU C 209 3.64 -18.48 9.69
N ARG C 210 2.90 -19.22 8.87
CA ARG C 210 3.41 -20.44 8.26
C ARG C 210 3.98 -20.14 6.88
N PHE C 211 5.18 -19.57 6.86
CA PHE C 211 5.82 -19.19 5.60
C PHE C 211 6.32 -20.40 4.82
N ASP C 212 7.07 -21.27 5.49
CA ASP C 212 7.67 -22.41 4.81
C ASP C 212 6.65 -23.53 4.61
N ARG C 213 6.46 -23.94 3.36
CA ARG C 213 5.44 -24.93 3.03
C ARG C 213 5.96 -26.02 2.09
N ILE C 214 5.33 -27.18 2.14
CA ILE C 214 5.64 -28.30 1.28
C ILE C 214 4.39 -28.77 0.53
N PHE C 215 4.43 -28.70 -0.80
CA PHE C 215 3.33 -29.19 -1.62
C PHE C 215 3.69 -30.53 -2.26
N PHE C 216 2.68 -31.34 -2.56
CA PHE C 216 2.90 -32.71 -2.99
C PHE C 216 1.94 -33.11 -4.11
N ARG C 217 2.44 -33.90 -5.06
CA ARG C 217 1.64 -34.38 -6.18
C ARG C 217 2.15 -35.74 -6.64
N ALA C 218 1.51 -36.80 -6.16
CA ALA C 218 1.84 -38.15 -6.60
C ALA C 218 1.36 -38.41 -8.02
N ALA C 219 2.08 -39.26 -8.74
CA ALA C 219 1.75 -39.61 -10.12
C ALA C 219 0.49 -40.44 -10.20
N GLU C 222 -1.18 -43.30 -10.01
CA GLU C 222 -1.15 -43.91 -8.68
C GLU C 222 0.08 -43.49 -7.90
N GLY C 223 -0.07 -43.37 -6.58
CA GLY C 223 1.04 -42.96 -5.73
C GLY C 223 1.85 -44.13 -5.20
N HIS C 224 3.16 -43.98 -5.22
CA HIS C 224 4.07 -44.99 -4.70
C HIS C 224 4.74 -44.50 -3.42
N ILE C 225 4.81 -43.18 -3.28
CA ILE C 225 5.43 -42.55 -2.11
C ILE C 225 4.38 -41.90 -1.20
N ILE C 226 4.47 -42.18 0.09
CA ILE C 226 3.53 -41.63 1.06
C ILE C 226 4.28 -40.77 2.08
N PRO C 227 3.79 -39.53 2.31
CA PRO C 227 4.41 -38.67 3.31
C PRO C 227 4.01 -39.07 4.72
N ARG C 228 4.97 -39.57 5.50
CA ARG C 228 4.67 -40.13 6.81
C ARG C 228 4.66 -39.09 7.93
N SER C 229 5.74 -38.33 8.06
CA SER C 229 5.86 -37.41 9.18
C SER C 229 6.29 -36.00 8.78
N LEU C 230 6.07 -35.05 9.68
CA LEU C 230 6.46 -33.65 9.49
C LEU C 230 6.81 -33.04 10.84
N ASP C 231 8.01 -32.49 10.95
CA ASP C 231 8.50 -31.95 12.22
C ASP C 231 9.31 -30.68 12.01
N LEU C 232 9.50 -29.91 13.08
CA LEU C 232 10.34 -28.70 13.02
C LEU C 232 11.71 -28.94 13.64
N LEU C 233 12.67 -28.11 13.24
CA LEU C 233 14.02 -28.19 13.80
C LEU C 233 14.70 -26.82 13.85
N GLY C 234 15.75 -26.72 14.67
CA GLY C 234 16.38 -25.44 14.93
C GLY C 234 15.64 -24.71 16.03
N LEU C 235 15.05 -25.49 16.93
CA LEU C 235 14.19 -24.96 17.98
C LEU C 235 14.98 -24.46 19.19
N GLU C 236 16.30 -24.65 19.17
CA GLU C 236 17.13 -24.26 20.31
C GLU C 236 18.12 -23.14 19.96
N LYS C 237 18.35 -22.27 20.94
CA LYS C 237 19.32 -21.19 20.81
C LYS C 237 20.76 -21.68 20.87
N LEU C 238 21.59 -21.12 20.00
CA LEU C 238 23.01 -21.47 19.93
C LEU C 238 23.77 -20.83 21.09
N ASP C 239 25.07 -21.11 21.17
CA ASP C 239 25.91 -20.52 22.22
C ASP C 239 26.11 -19.03 22.00
N CYS C 240 25.86 -18.56 20.78
CA CYS C 240 26.01 -17.15 20.45
C CYS C 240 24.89 -16.30 21.03
N GLY C 241 23.85 -16.96 21.55
CA GLY C 241 22.75 -16.24 22.17
C GLY C 241 21.57 -16.10 21.24
N ARG C 242 21.74 -16.54 20.00
CA ARG C 242 20.68 -16.44 19.01
C ARG C 242 20.31 -17.80 18.42
N PHE C 243 19.16 -17.85 17.77
CA PHE C 243 18.74 -19.03 17.03
C PHE C 243 19.49 -19.08 15.70
N PRO C 244 19.61 -20.29 15.11
CA PRO C 244 20.24 -20.45 13.80
C PRO C 244 19.64 -19.53 12.74
N SER C 245 18.32 -19.31 12.81
CA SER C 245 17.65 -18.38 11.91
C SER C 245 16.35 -17.87 12.52
N ASP C 246 15.70 -16.94 11.82
CA ASP C 246 14.40 -16.44 12.25
C ASP C 246 13.30 -17.43 11.90
N HIS C 247 13.50 -18.16 10.80
CA HIS C 247 12.56 -19.20 10.40
C HIS C 247 12.91 -20.51 11.07
N TRP C 248 11.90 -21.35 11.31
CA TRP C 248 12.13 -22.68 11.85
C TRP C 248 12.27 -23.69 10.71
N GLY C 249 13.24 -24.59 10.84
CA GLY C 249 13.47 -25.62 9.84
C GLY C 249 12.36 -26.65 9.80
N LEU C 250 12.20 -27.31 8.66
CA LEU C 250 11.09 -28.24 8.45
C LEU C 250 11.55 -29.57 7.83
N LEU C 251 11.52 -30.62 8.65
CA LEU C 251 11.85 -31.97 8.22
C LEU C 251 10.57 -32.74 7.86
N CYS C 252 10.67 -33.58 6.82
CA CYS C 252 9.54 -34.39 6.40
C CYS C 252 9.99 -35.81 6.04
N ASN C 253 9.32 -36.80 6.64
CA ASN C 253 9.62 -38.20 6.35
C ASN C 253 8.55 -38.87 5.49
N LEU C 254 9.00 -39.75 4.62
CA LEU C 254 8.16 -40.40 3.62
C LEU C 254 8.64 -41.83 3.41
N ASP C 255 7.78 -42.68 2.85
CA ASP C 255 8.11 -44.08 2.67
C ASP C 255 7.53 -44.70 1.39
N ILE C 256 8.14 -45.79 0.92
CA ILE C 256 7.69 -46.47 -0.28
C ILE C 256 7.47 -47.96 0.01
S SO4 E . 14.58 24.16 -0.14
O1 SO4 E . 14.78 22.75 -0.44
O2 SO4 E . 13.72 24.29 1.04
O3 SO4 E . 15.87 24.79 0.12
O4 SO4 E . 13.93 24.81 -1.28
#